data_2PWY
#
_entry.id   2PWY
#
_cell.length_a   90.440
_cell.length_b   96.795
_cell.length_c   140.584
_cell.angle_alpha   90.000
_cell.angle_beta   90.000
_cell.angle_gamma   90.000
#
_symmetry.space_group_name_H-M   'C 2 2 21'
#
loop_
_entity.id
_entity.type
_entity.pdbx_description
1 polymer 'tRNA (adenine-N(1)-)-methyltransferase'
2 non-polymer 'SULFATE ION'
3 non-polymer S-ADENOSYL-L-HOMOCYSTEINE
4 water water
#
_entity_poly.entity_id   1
_entity_poly.type   'polypeptide(L)'
_entity_poly.pdbx_seq_one_letter_code
;GSHMAWPGPLLLKDRKGRAYLVFPKEGGVFHHHKGSVPHEALLEAGPGGVVRTHLGEELSVHRPTLEEYLLHMKRSATPT
YPKDASAMVTLLDLAPGMRVLEAGTGSGGLTLFLARAVGEKGLVESYEARPHHLAQAERNVRAFWQVENVRFHLGKLEEA
ELEEAAYDGVALDLMEPWKVLEKAALALKPDRFLVAYLPNITQVLELVRAAEAHPFRLERVLEVGWREWEVRLPVAHPRF
QQVGHTAFLVALRRWKGS
;
_entity_poly.pdbx_strand_id   A,B
#
loop_
_chem_comp.id
_chem_comp.type
_chem_comp.name
_chem_comp.formula
SO4 non-polymer 'SULFATE ION' 'O4 S -2'
#
# COMPACT_ATOMS: atom_id res chain seq x y z
N GLY A 8 -18.70 -11.68 -6.56
CA GLY A 8 -18.10 -10.31 -6.45
C GLY A 8 -19.12 -9.21 -6.63
N PRO A 9 -19.23 -8.28 -5.65
CA PRO A 9 -20.28 -7.27 -5.75
C PRO A 9 -19.98 -6.24 -6.83
N LEU A 10 -20.99 -5.46 -7.20
CA LEU A 10 -20.79 -4.37 -8.13
C LEU A 10 -20.93 -3.05 -7.40
N LEU A 11 -20.31 -2.00 -7.93
CA LEU A 11 -20.55 -0.65 -7.45
C LEU A 11 -21.15 0.14 -8.60
N LEU A 12 -22.31 0.72 -8.35
CA LEU A 12 -23.00 1.55 -9.33
C LEU A 12 -22.81 3.01 -8.94
N LYS A 13 -22.59 3.86 -9.94
CA LYS A 13 -22.58 5.30 -9.75
C LYS A 13 -23.57 5.98 -10.69
N ASP A 14 -24.35 6.90 -10.15
CA ASP A 14 -25.28 7.67 -10.98
C ASP A 14 -24.63 8.98 -11.44
N ARG A 15 -25.36 9.79 -12.22
CA ARG A 15 -24.80 11.01 -12.77
C ARG A 15 -24.43 12.06 -11.70
N LYS A 16 -25.11 12.02 -10.56
CA LYS A 16 -24.81 12.92 -9.45
C LYS A 16 -23.58 12.46 -8.64
N GLY A 17 -23.07 11.26 -8.98
CA GLY A 17 -21.89 10.69 -8.33
C GLY A 17 -22.16 9.85 -7.09
N ARG A 18 -23.43 9.61 -6.77
CA ARG A 18 -23.80 8.73 -5.66
C ARG A 18 -23.39 7.29 -5.98
N ALA A 19 -22.82 6.61 -4.99
CA ALA A 19 -22.33 5.23 -5.17
C ALA A 19 -23.18 4.22 -4.40
N TYR A 20 -23.39 3.06 -5.00
CA TYR A 20 -24.23 2.01 -4.42
C TYR A 20 -23.56 0.66 -4.60
N LEU A 21 -23.44 -0.08 -3.50
CA LEU A 21 -22.88 -1.41 -3.54
C LEU A 21 -24.02 -2.39 -3.73
N VAL A 22 -23.91 -3.21 -4.77
CA VAL A 22 -24.97 -4.15 -5.13
C VAL A 22 -24.39 -5.55 -5.20
N PHE A 23 -25.08 -6.49 -4.55
CA PHE A 23 -24.71 -7.89 -4.58
C PHE A 23 -25.73 -8.57 -5.50
N PRO A 24 -25.34 -8.77 -6.77
CA PRO A 24 -26.33 -9.18 -7.78
C PRO A 24 -26.91 -10.56 -7.50
N LYS A 25 -28.19 -10.72 -7.83
CA LYS A 25 -28.86 -12.01 -7.72
C LYS A 25 -29.90 -12.09 -8.84
N GLU A 26 -30.10 -13.27 -9.39
CA GLU A 26 -31.11 -13.41 -10.43
C GLU A 26 -32.50 -13.10 -9.86
N GLY A 27 -33.24 -12.28 -10.59
CA GLY A 27 -34.53 -11.81 -10.14
C GLY A 27 -34.41 -10.58 -9.25
N GLY A 28 -33.18 -10.19 -8.93
CA GLY A 28 -32.92 -9.00 -8.13
C GLY A 28 -33.16 -7.73 -8.92
N VAL A 29 -33.53 -6.66 -8.21
CA VAL A 29 -33.80 -5.37 -8.83
C VAL A 29 -33.13 -4.27 -8.01
N PHE A 30 -32.38 -3.41 -8.70
CA PHE A 30 -31.79 -2.23 -8.09
C PHE A 30 -32.80 -1.10 -8.22
N HIS A 31 -33.19 -0.52 -7.09
CA HIS A 31 -34.17 0.56 -7.08
C HIS A 31 -33.46 1.90 -7.05
N HIS A 32 -33.97 2.84 -7.85
CA HIS A 32 -33.34 4.15 -7.99
C HIS A 32 -34.38 5.13 -8.52
N HIS A 33 -34.29 6.39 -8.09
CA HIS A 33 -35.35 7.37 -8.36
C HIS A 33 -35.64 7.66 -9.84
N LYS A 34 -34.64 7.51 -10.69
CA LYS A 34 -34.85 7.72 -12.12
C LYS A 34 -34.97 6.40 -12.91
N GLY A 35 -35.34 5.32 -12.22
CA GLY A 35 -35.58 4.07 -12.90
C GLY A 35 -34.90 2.89 -12.24
N SER A 36 -35.69 1.87 -11.92
CA SER A 36 -35.17 0.62 -11.38
C SER A 36 -34.58 -0.24 -12.50
N VAL A 37 -33.57 -1.04 -12.16
CA VAL A 37 -32.84 -1.83 -13.14
C VAL A 37 -32.70 -3.25 -12.63
N PRO A 38 -33.10 -4.25 -13.44
CA PRO A 38 -32.90 -5.65 -13.05
C PRO A 38 -31.41 -5.94 -12.90
N HIS A 39 -31.05 -6.76 -11.91
CA HIS A 39 -29.65 -7.13 -11.72
C HIS A 39 -29.02 -7.72 -12.99
N GLU A 40 -29.81 -8.44 -13.77
CA GLU A 40 -29.32 -9.00 -15.04
C GLU A 40 -28.76 -7.92 -15.96
N ALA A 41 -29.42 -6.76 -16.00
CA ALA A 41 -28.97 -5.66 -16.89
C ALA A 41 -27.59 -5.19 -16.45
N LEU A 42 -27.37 -5.18 -15.13
CA LEU A 42 -26.10 -4.75 -14.54
C LEU A 42 -24.99 -5.69 -14.92
N LEU A 43 -25.24 -6.98 -14.79
CA LEU A 43 -24.28 -8.01 -15.14
C LEU A 43 -23.98 -7.99 -16.64
N GLU A 44 -25.02 -7.76 -17.44
CA GLU A 44 -24.86 -7.66 -18.88
C GLU A 44 -23.98 -6.47 -19.28
N ALA A 45 -24.18 -5.32 -18.65
CA ALA A 45 -23.37 -4.14 -18.90
C ALA A 45 -21.93 -4.44 -18.48
N GLY A 46 -21.80 -5.02 -17.29
CA GLY A 46 -20.51 -5.38 -16.70
C GLY A 46 -19.66 -4.19 -16.25
N PRO A 47 -18.57 -4.47 -15.51
CA PRO A 47 -17.64 -3.41 -15.12
C PRO A 47 -17.15 -2.62 -16.33
N GLY A 48 -17.28 -1.30 -16.23
CA GLY A 48 -16.87 -0.41 -17.32
C GLY A 48 -18.03 -0.04 -18.22
N GLY A 49 -19.15 -0.74 -18.05
CA GLY A 49 -20.34 -0.49 -18.86
C GLY A 49 -21.33 0.45 -18.20
N VAL A 50 -22.46 0.68 -18.86
CA VAL A 50 -23.49 1.58 -18.33
C VAL A 50 -24.88 1.02 -18.59
N VAL A 51 -25.84 1.45 -17.76
CA VAL A 51 -27.25 1.18 -17.99
C VAL A 51 -27.95 2.53 -18.03
N ARG A 52 -28.53 2.87 -19.18
CA ARG A 52 -29.27 4.13 -19.33
C ARG A 52 -30.68 3.98 -18.74
N THR A 53 -31.07 4.93 -17.89
CA THR A 53 -32.44 4.91 -17.37
C THR A 53 -33.21 6.16 -17.82
N HIS A 54 -34.00 6.77 -16.93
CA HIS A 54 -34.88 7.87 -17.31
C HIS A 54 -34.27 9.25 -17.15
N LEU A 55 -34.80 10.20 -17.92
CA LEU A 55 -34.46 11.63 -17.80
C LEU A 55 -32.96 11.91 -17.79
N GLY A 56 -32.24 11.28 -18.73
CA GLY A 56 -30.79 11.46 -18.87
C GLY A 56 -29.92 10.73 -17.85
N GLU A 57 -30.54 10.02 -16.92
CA GLU A 57 -29.80 9.26 -15.92
C GLU A 57 -29.08 8.08 -16.56
N GLU A 58 -27.93 7.75 -15.98
CA GLU A 58 -27.09 6.68 -16.44
C GLU A 58 -26.35 6.12 -15.24
N LEU A 59 -26.48 4.82 -15.03
CA LEU A 59 -25.77 4.14 -13.97
C LEU A 59 -24.51 3.50 -14.53
N SER A 60 -23.35 3.94 -14.06
CA SER A 60 -22.12 3.32 -14.52
C SER A 60 -21.86 2.12 -13.62
N VAL A 61 -21.43 1.03 -14.24
CA VAL A 61 -21.25 -0.23 -13.53
C VAL A 61 -19.77 -0.49 -13.31
N HIS A 62 -19.42 -0.89 -12.09
CA HIS A 62 -18.03 -1.07 -11.67
C HIS A 62 -17.80 -2.33 -10.86
N ARG A 63 -16.60 -2.89 -11.01
CA ARG A 63 -16.03 -3.79 -10.02
C ARG A 63 -15.44 -2.86 -8.97
N PRO A 64 -15.94 -2.90 -7.72
CA PRO A 64 -15.42 -1.95 -6.71
C PRO A 64 -13.98 -2.30 -6.38
N THR A 65 -13.14 -1.27 -6.32
CA THR A 65 -11.81 -1.44 -5.78
C THR A 65 -11.93 -1.72 -4.27
N LEU A 66 -10.85 -2.20 -3.66
CA LEU A 66 -10.86 -2.44 -2.22
C LEU A 66 -11.14 -1.13 -1.46
N GLU A 67 -10.57 -0.01 -1.93
CA GLU A 67 -10.88 1.30 -1.38
C GLU A 67 -12.40 1.57 -1.43
N GLU A 68 -13.01 1.39 -2.61
CA GLU A 68 -14.46 1.64 -2.76
C GLU A 68 -15.28 0.72 -1.87
N TYR A 69 -14.87 -0.54 -1.79
CA TYR A 69 -15.55 -1.52 -0.95
C TYR A 69 -15.53 -1.12 0.53
N LEU A 70 -14.35 -0.81 1.07
CA LEU A 70 -14.27 -0.38 2.49
C LEU A 70 -15.17 0.81 2.79
N LEU A 71 -15.25 1.74 1.85
CA LEU A 71 -15.99 2.97 2.06
C LEU A 71 -17.50 2.78 2.01
N HIS A 72 -17.95 1.72 1.35
CA HIS A 72 -19.40 1.49 1.13
C HIS A 72 -19.98 0.23 1.78
N MET A 73 -19.11 -0.71 2.19
CA MET A 73 -19.59 -1.94 2.84
C MET A 73 -20.30 -1.66 4.16
N LYS A 74 -21.23 -2.56 4.50
CA LYS A 74 -21.94 -2.54 5.79
C LYS A 74 -20.90 -2.61 6.88
N ARG A 75 -21.15 -1.93 7.99
CA ARG A 75 -20.25 -2.00 9.12
C ARG A 75 -20.96 -1.93 10.47
N SER A 76 -20.31 -2.43 11.51
CA SER A 76 -20.67 -2.03 12.86
C SER A 76 -19.56 -1.11 13.33
N ALA A 77 -18.40 -1.69 13.64
CA ALA A 77 -17.19 -0.91 13.90
C ALA A 77 -16.74 -0.18 12.62
N THR A 78 -16.43 1.10 12.74
CA THR A 78 -15.91 1.85 11.58
C THR A 78 -14.57 1.25 11.10
N PRO A 79 -14.48 0.92 9.80
CA PRO A 79 -13.22 0.33 9.34
C PRO A 79 -12.10 1.36 9.25
N THR A 80 -10.87 0.87 9.30
CA THR A 80 -9.69 1.66 9.01
C THR A 80 -9.88 2.34 7.64
N TYR A 81 -9.55 3.62 7.54
CA TYR A 81 -9.66 4.27 6.23
C TYR A 81 -8.62 3.71 5.26
N PRO A 82 -8.98 3.62 3.98
CA PRO A 82 -8.05 3.12 2.95
C PRO A 82 -6.66 3.76 2.94
N LYS A 83 -6.55 5.08 3.10
CA LYS A 83 -5.22 5.71 3.08
C LYS A 83 -4.34 5.17 4.21
N ASP A 84 -4.97 4.88 5.34
CA ASP A 84 -4.26 4.42 6.53
C ASP A 84 -3.93 2.94 6.43
N ALA A 85 -4.87 2.14 5.93
CA ALA A 85 -4.65 0.69 5.79
C ALA A 85 -3.52 0.43 4.79
N SER A 86 -3.54 1.18 3.68
CA SER A 86 -2.47 1.17 2.70
C SER A 86 -1.10 1.47 3.32
N ALA A 87 -1.02 2.54 4.12
CA ALA A 87 0.22 2.90 4.79
C ALA A 87 0.64 1.85 5.81
N MET A 88 -0.33 1.30 6.54
CA MET A 88 0.00 0.29 7.56
C MET A 88 0.66 -0.94 6.96
N VAL A 89 0.19 -1.38 5.79
CA VAL A 89 0.80 -2.53 5.14
C VAL A 89 2.26 -2.26 4.78
N THR A 90 2.55 -1.04 4.32
CA THR A 90 3.92 -0.66 3.98
C THR A 90 4.79 -0.51 5.24
N LEU A 91 4.23 0.12 6.27
CA LEU A 91 4.98 0.29 7.52
C LEU A 91 5.27 -1.05 8.21
N LEU A 92 4.35 -2.00 8.06
CA LEU A 92 4.52 -3.37 8.53
C LEU A 92 5.45 -4.20 7.63
N ASP A 93 5.78 -3.64 6.48
CA ASP A 93 6.70 -4.27 5.51
C ASP A 93 6.23 -5.69 5.17
N LEU A 94 4.95 -5.83 4.84
CA LEU A 94 4.36 -7.14 4.55
C LEU A 94 4.60 -7.56 3.12
N ALA A 95 5.06 -8.80 2.96
CA ALA A 95 5.33 -9.40 1.67
C ALA A 95 4.62 -10.76 1.61
N PRO A 96 4.46 -11.30 0.39
CA PRO A 96 3.78 -12.60 0.29
C PRO A 96 4.42 -13.67 1.18
N GLY A 97 3.56 -14.46 1.83
CA GLY A 97 4.02 -15.60 2.62
C GLY A 97 4.15 -15.27 4.09
N MET A 98 4.08 -13.98 4.43
CA MET A 98 4.25 -13.57 5.82
C MET A 98 3.02 -13.88 6.68
N ARG A 99 3.22 -13.86 7.99
CA ARG A 99 2.17 -14.13 8.97
C ARG A 99 1.99 -12.88 9.81
N VAL A 100 0.78 -12.32 9.77
CA VAL A 100 0.51 -11.06 10.47
C VAL A 100 -0.60 -11.24 11.50
N LEU A 101 -0.36 -10.69 12.69
CA LEU A 101 -1.33 -10.73 13.78
C LEU A 101 -2.15 -9.45 13.74
N GLU A 102 -3.46 -9.57 13.89
CA GLU A 102 -4.36 -8.42 13.86
C GLU A 102 -5.35 -8.41 15.01
N ALA A 103 -5.55 -7.24 15.62
CA ALA A 103 -6.72 -7.02 16.48
C ALA A 103 -7.06 -5.52 16.49
N GLY A 104 -8.35 -5.14 16.53
CA GLY A 104 -9.48 -6.09 16.43
C GLY A 104 -9.97 -6.19 14.99
N THR A 105 -10.51 -7.36 14.62
CA THR A 105 -11.02 -7.56 13.25
C THR A 105 -11.97 -6.42 12.85
N GLY A 106 -12.83 -6.01 13.78
CA GLY A 106 -13.74 -4.88 13.55
C GLY A 106 -14.78 -5.22 12.50
N SER A 107 -14.68 -4.56 11.34
CA SER A 107 -15.56 -4.82 10.20
C SER A 107 -14.82 -5.46 9.01
N GLY A 108 -13.56 -5.80 9.24
CA GLY A 108 -12.76 -6.50 8.23
C GLY A 108 -12.09 -5.66 7.17
N GLY A 109 -12.11 -4.33 7.34
CA GLY A 109 -11.50 -3.45 6.34
C GLY A 109 -9.99 -3.63 6.28
N LEU A 110 -9.34 -3.41 7.41
CA LEU A 110 -7.88 -3.63 7.48
C LEU A 110 -7.55 -5.10 7.18
N THR A 111 -8.40 -6.02 7.66
CA THR A 111 -8.22 -7.44 7.38
C THR A 111 -8.01 -7.72 5.89
N LEU A 112 -8.84 -7.08 5.06
CA LEU A 112 -8.73 -7.26 3.61
C LEU A 112 -7.40 -6.76 3.04
N PHE A 113 -6.94 -5.60 3.52
CA PHE A 113 -5.65 -5.06 3.10
C PHE A 113 -4.51 -6.02 3.50
N LEU A 114 -4.56 -6.49 4.74
CA LEU A 114 -3.56 -7.44 5.26
C LEU A 114 -3.55 -8.75 4.46
N ALA A 115 -4.74 -9.24 4.13
CA ALA A 115 -4.91 -10.51 3.40
C ALA A 115 -4.36 -10.44 1.97
N ARG A 116 -4.57 -9.33 1.28
CA ARG A 116 -3.92 -9.11 -0.03
C ARG A 116 -2.42 -9.12 0.08
N ALA A 117 -1.90 -8.44 1.10
CA ALA A 117 -0.45 -8.28 1.26
C ALA A 117 0.28 -9.58 1.50
N VAL A 118 -0.29 -10.49 2.29
CA VAL A 118 0.43 -11.72 2.63
C VAL A 118 0.11 -12.85 1.66
N GLY A 119 -1.05 -12.74 1.00
CA GLY A 119 -1.44 -13.68 -0.06
C GLY A 119 -1.75 -15.10 0.38
N GLU A 120 -2.02 -15.97 -0.59
CA GLU A 120 -2.55 -17.31 -0.29
C GLU A 120 -1.64 -18.21 0.53
N LYS A 121 -0.34 -17.94 0.50
CA LYS A 121 0.61 -18.72 1.28
C LYS A 121 0.93 -18.06 2.61
N GLY A 122 0.41 -16.85 2.80
CA GLY A 122 0.56 -16.14 4.06
C GLY A 122 -0.60 -16.39 5.01
N LEU A 123 -0.65 -15.63 6.09
CA LEU A 123 -1.68 -15.79 7.09
C LEU A 123 -1.98 -14.47 7.77
N VAL A 124 -3.27 -14.17 7.90
CA VAL A 124 -3.74 -13.10 8.78
C VAL A 124 -4.41 -13.81 9.97
N GLU A 125 -3.82 -13.68 11.15
CA GLU A 125 -4.35 -14.25 12.37
C GLU A 125 -5.09 -13.13 13.07
N SER A 126 -6.42 -13.11 12.97
CA SER A 126 -7.18 -11.94 13.37
C SER A 126 -8.07 -12.20 14.58
N TYR A 127 -8.04 -11.30 15.56
CA TYR A 127 -8.81 -11.48 16.81
C TYR A 127 -9.85 -10.39 16.97
N GLU A 128 -11.04 -10.79 17.41
CA GLU A 128 -12.11 -9.84 17.67
C GLU A 128 -12.90 -10.27 18.90
N ALA A 129 -13.02 -9.38 19.88
CA ALA A 129 -13.68 -9.67 21.17
C ALA A 129 -15.20 -9.71 21.09
N ARG A 130 -15.78 -8.95 20.15
CA ARG A 130 -17.23 -8.79 20.09
C ARG A 130 -17.86 -9.65 18.99
N PRO A 131 -18.74 -10.61 19.36
CA PRO A 131 -19.27 -11.58 18.40
C PRO A 131 -20.03 -10.96 17.22
N HIS A 132 -20.82 -9.92 17.48
CA HIS A 132 -21.58 -9.32 16.38
C HIS A 132 -20.64 -8.61 15.40
N HIS A 133 -19.62 -7.94 15.95
CA HIS A 133 -18.59 -7.33 15.13
C HIS A 133 -17.91 -8.39 14.27
N LEU A 134 -17.50 -9.48 14.88
CA LEU A 134 -16.81 -10.55 14.15
C LEU A 134 -17.68 -11.16 13.05
N ALA A 135 -18.95 -11.42 13.33
CA ALA A 135 -19.86 -11.94 12.32
C ALA A 135 -19.95 -11.02 11.08
N GLN A 136 -20.08 -9.71 11.30
CA GLN A 136 -20.14 -8.76 10.18
C GLN A 136 -18.81 -8.71 9.44
N ALA A 137 -17.71 -8.73 10.19
CA ALA A 137 -16.38 -8.69 9.58
C ALA A 137 -16.18 -9.89 8.67
N GLU A 138 -16.55 -11.08 9.16
CA GLU A 138 -16.45 -12.29 8.37
C GLU A 138 -17.29 -12.18 7.09
N ARG A 139 -18.52 -11.70 7.19
CA ARG A 139 -19.34 -11.50 5.98
C ARG A 139 -18.67 -10.55 5.00
N ASN A 140 -18.15 -9.44 5.54
CA ASN A 140 -17.52 -8.42 4.70
C ASN A 140 -16.32 -8.98 3.94
N VAL A 141 -15.49 -9.75 4.64
CA VAL A 141 -14.29 -10.34 4.05
C VAL A 141 -14.68 -11.37 2.98
N ARG A 142 -15.60 -12.25 3.36
CA ARG A 142 -15.93 -13.37 2.49
C ARG A 142 -16.65 -12.91 1.21
N ALA A 143 -17.37 -11.80 1.28
CA ALA A 143 -18.12 -11.25 0.14
C ALA A 143 -17.20 -10.67 -0.93
N PHE A 144 -15.96 -10.39 -0.54
CA PHE A 144 -15.01 -9.68 -1.42
C PHE A 144 -13.79 -10.52 -1.77
N TRP A 145 -13.47 -11.49 -0.92
CA TRP A 145 -12.19 -12.18 -0.94
C TRP A 145 -12.40 -13.66 -0.63
N GLN A 146 -12.02 -14.51 -1.58
CA GLN A 146 -12.29 -15.94 -1.48
C GLN A 146 -11.09 -16.78 -1.04
N VAL A 147 -9.93 -16.15 -0.89
CA VAL A 147 -8.70 -16.86 -0.50
C VAL A 147 -8.75 -17.15 1.01
N GLU A 148 -8.51 -18.42 1.37
CA GLU A 148 -8.64 -18.88 2.75
C GLU A 148 -7.33 -18.67 3.52
N ASN A 149 -6.92 -17.41 3.61
CA ASN A 149 -5.68 -17.08 4.30
C ASN A 149 -5.93 -16.21 5.52
N VAL A 150 -7.18 -16.15 5.98
CA VAL A 150 -7.51 -15.47 7.23
C VAL A 150 -8.05 -16.46 8.24
N ARG A 151 -7.42 -16.51 9.42
CA ARG A 151 -7.94 -17.30 10.55
C ARG A 151 -8.55 -16.34 11.56
N PHE A 152 -9.87 -16.39 11.71
CA PHE A 152 -10.59 -15.50 12.61
C PHE A 152 -10.70 -16.15 13.97
N HIS A 153 -10.56 -15.34 15.02
CA HIS A 153 -10.70 -15.80 16.41
C HIS A 153 -11.63 -14.89 17.19
N LEU A 154 -12.60 -15.51 17.87
CA LEU A 154 -13.48 -14.77 18.78
C LEU A 154 -12.82 -14.75 20.15
N GLY A 155 -12.49 -13.55 20.62
CA GLY A 155 -11.83 -13.41 21.92
C GLY A 155 -10.90 -12.21 21.98
N LYS A 156 -10.44 -11.93 23.18
CA LYS A 156 -9.48 -10.86 23.41
C LYS A 156 -8.09 -11.31 23.01
N LEU A 157 -7.35 -10.45 22.31
CA LEU A 157 -5.99 -10.75 21.93
C LEU A 157 -5.14 -11.07 23.18
N GLU A 158 -5.39 -10.37 24.29
CA GLU A 158 -4.67 -10.59 25.58
C GLU A 158 -4.65 -12.05 26.00
N GLU A 159 -5.64 -12.82 25.56
CA GLU A 159 -5.88 -14.17 26.05
C GLU A 159 -5.53 -15.22 25.00
N ALA A 160 -4.97 -14.78 23.88
CA ALA A 160 -4.69 -15.66 22.76
C ALA A 160 -3.54 -16.62 23.07
N GLU A 161 -3.65 -17.85 22.58
CA GLU A 161 -2.52 -18.78 22.59
C GLU A 161 -1.71 -18.56 21.32
N LEU A 162 -0.49 -18.03 21.49
CA LEU A 162 0.32 -17.65 20.34
C LEU A 162 1.72 -18.26 20.41
N GLU A 163 2.28 -18.58 19.24
CA GLU A 163 3.67 -19.03 19.16
C GLU A 163 4.61 -17.84 19.23
N GLU A 164 5.62 -17.93 20.10
CA GLU A 164 6.60 -16.85 20.24
C GLU A 164 7.39 -16.60 18.95
N ALA A 165 7.56 -15.33 18.60
CA ALA A 165 8.38 -14.94 17.46
C ALA A 165 7.97 -15.66 16.17
N ALA A 166 6.65 -15.85 16.00
CA ALA A 166 6.11 -16.54 14.83
C ALA A 166 5.51 -15.59 13.80
N TYR A 167 5.34 -14.33 14.18
CA TYR A 167 4.65 -13.34 13.35
C TYR A 167 5.59 -12.29 12.80
N ASP A 168 5.35 -11.94 11.54
CA ASP A 168 6.18 -11.02 10.79
C ASP A 168 5.79 -9.55 11.00
N GLY A 169 4.63 -9.35 11.64
CA GLY A 169 4.11 -8.00 11.87
C GLY A 169 2.90 -8.13 12.78
N VAL A 170 2.59 -7.03 13.46
CA VAL A 170 1.39 -6.95 14.30
C VAL A 170 0.66 -5.66 13.94
N ALA A 171 -0.59 -5.79 13.50
CA ALA A 171 -1.42 -4.65 13.12
C ALA A 171 -2.49 -4.45 14.18
N LEU A 172 -2.52 -3.26 14.77
CA LEU A 172 -3.52 -2.96 15.79
C LEU A 172 -4.43 -1.83 15.38
N ASP A 173 -5.72 -2.06 15.56
CA ASP A 173 -6.72 -1.00 15.48
C ASP A 173 -7.71 -1.29 16.59
N LEU A 174 -7.49 -0.65 17.73
CA LEU A 174 -8.32 -0.83 18.93
C LEU A 174 -8.03 0.31 19.92
N MET A 175 -8.94 0.53 20.86
CA MET A 175 -8.91 1.72 21.72
C MET A 175 -7.76 1.71 22.72
N GLU A 176 -7.37 0.52 23.19
CA GLU A 176 -6.39 0.41 24.28
C GLU A 176 -5.29 -0.58 23.93
N PRO A 177 -4.44 -0.22 22.94
CA PRO A 177 -3.39 -1.12 22.46
C PRO A 177 -2.34 -1.46 23.53
N TRP A 178 -2.17 -0.60 24.54
CA TRP A 178 -1.26 -0.93 25.64
C TRP A 178 -1.59 -2.27 26.31
N LYS A 179 -2.88 -2.61 26.35
CA LYS A 179 -3.32 -3.86 26.97
C LYS A 179 -2.86 -5.14 26.26
N VAL A 180 -2.47 -5.03 24.99
CA VAL A 180 -2.08 -6.20 24.17
C VAL A 180 -0.58 -6.22 23.85
N LEU A 181 0.17 -5.30 24.44
CA LEU A 181 1.61 -5.18 24.13
C LEU A 181 2.43 -6.38 24.61
N GLU A 182 2.05 -6.94 25.76
CA GLU A 182 2.72 -8.15 26.25
C GLU A 182 2.57 -9.31 25.24
N LYS A 183 1.34 -9.55 24.81
CA LYS A 183 1.07 -10.60 23.82
C LYS A 183 1.74 -10.29 22.48
N ALA A 184 1.65 -9.04 22.03
CA ALA A 184 2.30 -8.63 20.77
C ALA A 184 3.82 -8.78 20.81
N ALA A 185 4.44 -8.41 21.93
CA ALA A 185 5.90 -8.58 22.07
C ALA A 185 6.29 -10.06 22.00
N LEU A 186 5.48 -10.92 22.60
CA LEU A 186 5.73 -12.36 22.53
C LEU A 186 5.63 -12.86 21.09
N ALA A 187 4.57 -12.47 20.39
CA ALA A 187 4.27 -12.94 19.04
C ALA A 187 5.27 -12.48 17.97
N LEU A 188 5.71 -11.24 18.08
CA LEU A 188 6.43 -10.58 17.00
C LEU A 188 7.92 -10.95 16.92
N LYS A 189 8.36 -11.32 15.71
CA LYS A 189 9.79 -11.60 15.47
C LYS A 189 10.64 -10.39 15.81
N PRO A 190 11.82 -10.60 16.45
CA PRO A 190 12.79 -9.52 16.65
C PRO A 190 13.04 -8.71 15.38
N ASP A 191 13.10 -7.38 15.55
CA ASP A 191 13.44 -6.42 14.51
C ASP A 191 12.28 -6.17 13.53
N ARG A 192 11.15 -6.83 13.77
CA ARG A 192 9.94 -6.60 12.97
C ARG A 192 9.01 -5.60 13.68
N PHE A 193 7.87 -5.27 13.05
CA PHE A 193 7.12 -4.09 13.49
C PHE A 193 5.74 -4.38 14.02
N LEU A 194 5.34 -3.57 15.00
CA LEU A 194 3.94 -3.41 15.40
C LEU A 194 3.52 -2.03 14.92
N VAL A 195 2.34 -1.93 14.31
CA VAL A 195 1.81 -0.63 13.89
C VAL A 195 0.38 -0.49 14.40
N ALA A 196 0.15 0.57 15.17
CA ALA A 196 -1.16 0.85 15.76
C ALA A 196 -1.79 2.10 15.17
N TYR A 197 -3.11 2.02 15.00
CA TYR A 197 -3.94 3.09 14.45
C TYR A 197 -4.71 3.72 15.61
N LEU A 198 -4.54 5.01 15.82
CA LEU A 198 -5.13 5.68 16.99
C LEU A 198 -5.64 7.09 16.63
N PRO A 199 -6.93 7.37 16.89
CA PRO A 199 -7.45 8.68 16.50
C PRO A 199 -6.87 9.88 17.27
N ASN A 200 -6.60 9.70 18.56
CA ASN A 200 -6.26 10.83 19.44
C ASN A 200 -4.78 10.88 19.77
N ILE A 201 -4.22 12.08 19.77
CA ILE A 201 -2.81 12.22 20.16
C ILE A 201 -2.57 11.79 21.62
N THR A 202 -3.60 11.93 22.46
CA THR A 202 -3.52 11.50 23.87
C THR A 202 -3.33 9.97 23.95
N GLN A 203 -4.02 9.25 23.07
CA GLN A 203 -3.87 7.80 22.97
C GLN A 203 -2.46 7.44 22.48
N VAL A 204 -1.97 8.21 21.50
CA VAL A 204 -0.61 8.03 21.00
C VAL A 204 0.42 8.16 22.13
N LEU A 205 0.30 9.23 22.91
CA LEU A 205 1.24 9.46 23.98
C LEU A 205 1.17 8.35 25.03
N GLU A 206 -0.05 7.91 25.33
CA GLU A 206 -0.25 6.81 26.27
C GLU A 206 0.43 5.52 25.77
N LEU A 207 0.26 5.21 24.48
CA LEU A 207 0.89 4.04 23.88
C LEU A 207 2.43 4.13 23.92
N VAL A 208 2.94 5.31 23.59
CA VAL A 208 4.39 5.56 23.61
C VAL A 208 4.95 5.29 25.01
N ARG A 209 4.28 5.80 26.04
CA ARG A 209 4.71 5.57 27.43
C ARG A 209 4.58 4.09 27.81
N ALA A 210 3.46 3.45 27.45
CA ALA A 210 3.25 2.04 27.77
C ALA A 210 4.28 1.12 27.11
N ALA A 211 4.70 1.45 25.90
CA ALA A 211 5.67 0.65 25.15
C ALA A 211 7.05 0.68 25.81
N GLU A 212 7.30 1.66 26.67
CA GLU A 212 8.55 1.73 27.42
C GLU A 212 8.65 0.66 28.53
N ALA A 213 7.56 -0.09 28.74
CA ALA A 213 7.56 -1.22 29.67
C ALA A 213 7.69 -2.58 28.94
N HIS A 214 7.98 -2.52 27.64
CA HIS A 214 8.03 -3.72 26.81
C HIS A 214 9.25 -3.68 25.88
N PRO A 215 9.66 -4.85 25.32
CA PRO A 215 10.79 -4.83 24.38
C PRO A 215 10.45 -4.28 22.98
N PHE A 216 10.10 -2.99 22.94
CA PHE A 216 9.77 -2.27 21.71
C PHE A 216 10.52 -0.95 21.70
N ARG A 217 10.96 -0.53 20.51
CA ARG A 217 11.56 0.78 20.29
C ARG A 217 10.63 1.60 19.41
N LEU A 218 10.32 2.81 19.83
CA LEU A 218 9.49 3.70 19.01
C LEU A 218 10.22 4.08 17.73
N GLU A 219 9.54 3.90 16.60
CA GLU A 219 10.16 4.17 15.31
C GLU A 219 9.49 5.30 14.55
N ARG A 220 8.17 5.32 14.55
CA ARG A 220 7.40 6.33 13.79
C ARG A 220 6.13 6.71 14.51
N VAL A 221 5.80 7.99 14.40
CA VAL A 221 4.46 8.49 14.66
C VAL A 221 4.13 9.36 13.46
N LEU A 222 3.10 8.99 12.72
CA LEU A 222 2.78 9.79 11.54
C LEU A 222 1.30 9.95 11.25
N GLU A 223 1.00 10.95 10.44
CA GLU A 223 -0.33 11.19 9.91
C GLU A 223 -0.27 11.06 8.40
N VAL A 224 -1.13 10.19 7.88
CA VAL A 224 -1.27 10.01 6.44
C VAL A 224 -2.33 10.98 5.95
N GLY A 225 -1.99 11.73 4.89
CA GLY A 225 -2.94 12.59 4.21
C GLY A 225 -2.98 12.24 2.75
N TRP A 226 -4.20 12.06 2.22
CA TRP A 226 -4.40 11.98 0.77
C TRP A 226 -5.23 13.19 0.40
N ARG A 227 -4.53 14.22 -0.07
CA ARG A 227 -5.15 15.50 -0.38
C ARG A 227 -5.72 15.43 -1.78
N GLU A 228 -7.04 15.34 -1.86
CA GLU A 228 -7.74 15.21 -3.14
C GLU A 228 -7.91 16.55 -3.86
N TRP A 229 -7.75 16.52 -5.18
CA TRP A 229 -8.03 17.66 -6.03
C TRP A 229 -9.33 17.46 -6.79
N GLU A 230 -10.00 18.57 -7.06
CA GLU A 230 -11.11 18.60 -8.00
C GLU A 230 -10.57 19.17 -9.31
N VAL A 231 -10.63 18.36 -10.37
CA VAL A 231 -10.14 18.82 -11.66
C VAL A 231 -11.21 18.54 -12.70
N ARG A 232 -11.79 19.62 -13.22
CA ARG A 232 -12.73 19.57 -14.34
C ARG A 232 -12.42 20.80 -15.17
N LEU A 233 -11.45 20.67 -16.09
CA LEU A 233 -10.82 21.83 -16.72
C LEU A 233 -11.86 22.80 -17.29
N PRO A 234 -11.69 24.10 -17.03
CA PRO A 234 -10.55 24.81 -16.41
C PRO A 234 -10.53 24.90 -14.87
N VAL A 235 -11.46 24.21 -14.20
CA VAL A 235 -11.44 24.13 -12.74
C VAL A 235 -10.36 23.12 -12.32
N ALA A 236 -9.51 23.54 -11.37
CA ALA A 236 -8.46 22.67 -10.84
C ALA A 236 -7.98 23.25 -9.52
N HIS A 237 -8.34 22.61 -8.42
CA HIS A 237 -7.92 23.04 -7.09
C HIS A 237 -8.05 21.89 -6.10
N PRO A 238 -7.26 21.93 -5.02
CA PRO A 238 -7.52 20.97 -3.95
C PRO A 238 -8.99 21.06 -3.52
N ARG A 239 -9.62 19.93 -3.22
CA ARG A 239 -11.04 19.93 -2.87
C ARG A 239 -11.29 20.87 -1.68
N PHE A 240 -12.39 21.62 -1.76
CA PHE A 240 -12.72 22.63 -0.76
C PHE A 240 -12.92 21.98 0.62
N GLN A 241 -13.51 20.79 0.62
CA GLN A 241 -13.72 20.00 1.82
C GLN A 241 -12.93 18.68 1.75
N GLN A 242 -12.07 18.45 2.74
CA GLN A 242 -11.25 17.23 2.82
C GLN A 242 -11.55 16.48 4.11
N VAL A 243 -11.30 15.17 4.10
CA VAL A 243 -11.12 14.41 5.34
C VAL A 243 -9.83 14.96 5.94
N GLY A 244 -9.95 15.66 7.07
CA GLY A 244 -8.79 16.32 7.68
C GLY A 244 -7.93 15.38 8.52
N HIS A 245 -8.58 14.40 9.12
CA HIS A 245 -7.89 13.49 10.04
C HIS A 245 -8.71 12.23 10.16
N THR A 246 -8.03 11.11 10.29
CA THR A 246 -8.68 9.86 10.67
C THR A 246 -8.01 9.34 11.94
N ALA A 247 -6.72 9.01 11.83
CA ALA A 247 -5.94 8.55 12.97
C ALA A 247 -4.44 8.74 12.74
N PHE A 248 -3.70 8.69 13.85
CA PHE A 248 -2.26 8.59 13.81
C PHE A 248 -1.84 7.14 13.68
N LEU A 249 -0.71 6.92 13.02
CA LEU A 249 -0.10 5.59 12.97
C LEU A 249 1.16 5.60 13.82
N VAL A 250 1.29 4.61 14.70
CA VAL A 250 2.42 4.47 15.61
C VAL A 250 3.14 3.15 15.29
N ALA A 251 4.41 3.24 14.90
CA ALA A 251 5.20 2.06 14.55
C ALA A 251 6.25 1.81 15.63
N LEU A 252 6.27 0.58 16.13
CA LEU A 252 7.27 0.14 17.11
C LEU A 252 8.09 -0.97 16.49
N ARG A 253 9.39 -1.02 16.77
CA ARG A 253 10.21 -2.14 16.33
C ARG A 253 10.53 -3.04 17.51
N ARG A 254 10.31 -4.34 17.32
CA ARG A 254 10.60 -5.37 18.34
C ARG A 254 12.11 -5.44 18.60
N TRP A 255 12.48 -5.42 19.87
CA TRP A 255 13.88 -5.56 20.27
C TRP A 255 14.51 -6.84 19.75
N LYS A 256 15.82 -6.78 19.52
CA LYS A 256 16.66 -7.96 19.34
C LYS A 256 16.27 -9.06 20.32
N GLY A 257 16.27 -10.29 19.81
CA GLY A 257 15.84 -11.45 20.58
C GLY A 257 16.79 -11.92 21.65
N SER A 258 16.19 -12.68 22.57
CA SER A 258 16.81 -13.43 23.65
C SER A 258 17.48 -12.56 24.69
N GLY B 8 20.65 -11.72 1.12
CA GLY B 8 20.18 -10.35 0.76
C GLY B 8 20.87 -9.24 1.54
N PRO B 9 20.50 -7.97 1.26
CA PRO B 9 21.20 -6.80 1.80
C PRO B 9 20.96 -6.60 3.29
N LEU B 10 21.88 -5.88 3.94
CA LEU B 10 21.70 -5.45 5.32
C LEU B 10 21.59 -3.94 5.40
N LEU B 11 20.90 -3.43 6.40
CA LEU B 11 20.81 -1.99 6.64
C LEU B 11 21.43 -1.66 7.99
N LEU B 12 22.34 -0.68 7.97
CA LEU B 12 22.96 -0.19 9.19
C LEU B 12 22.42 1.19 9.51
N LYS B 13 22.04 1.40 10.77
CA LYS B 13 21.51 2.67 11.24
C LYS B 13 22.41 3.25 12.32
N ASP B 14 22.78 4.52 12.20
CA ASP B 14 23.56 5.19 13.26
C ASP B 14 22.65 5.90 14.28
N ARG B 15 23.26 6.68 15.17
CA ARG B 15 22.55 7.39 16.24
C ARG B 15 21.73 8.58 15.73
N LYS B 16 22.21 9.22 14.67
CA LYS B 16 21.51 10.38 14.09
C LYS B 16 20.49 9.96 13.01
N GLY B 17 19.95 8.74 13.15
CA GLY B 17 18.94 8.22 12.24
C GLY B 17 19.41 7.73 10.87
N ARG B 18 20.62 8.12 10.48
CA ARG B 18 21.14 7.87 9.12
C ARG B 18 21.37 6.38 8.82
N ALA B 19 21.00 5.95 7.61
CA ALA B 19 21.06 4.53 7.25
C ALA B 19 21.97 4.23 6.05
N TYR B 20 22.55 3.03 6.04
CA TYR B 20 23.52 2.61 5.04
C TYR B 20 23.21 1.19 4.61
N LEU B 21 23.09 0.99 3.29
CA LEU B 21 22.84 -0.32 2.74
C LEU B 21 24.15 -1.07 2.45
N VAL B 22 24.25 -2.30 2.93
CA VAL B 22 25.44 -3.13 2.76
C VAL B 22 25.10 -4.49 2.11
N PHE B 23 25.90 -4.88 1.12
CA PHE B 23 25.78 -6.18 0.50
C PHE B 23 26.95 -7.05 0.94
N PRO B 24 26.72 -7.94 1.94
CA PRO B 24 27.78 -8.69 2.63
C PRO B 24 28.52 -9.72 1.77
N LYS B 25 29.85 -9.67 1.81
CA LYS B 25 30.72 -10.63 1.12
C LYS B 25 31.89 -11.06 2.01
N GLU B 26 32.42 -12.26 1.76
CA GLU B 26 33.59 -12.75 2.50
C GLU B 26 34.74 -11.77 2.33
N GLY B 27 35.36 -11.39 3.45
CA GLY B 27 36.46 -10.43 3.47
C GLY B 27 36.05 -9.02 3.10
N GLY B 28 34.74 -8.77 3.08
CA GLY B 28 34.20 -7.44 2.79
C GLY B 28 34.29 -6.53 4.00
N VAL B 29 34.43 -5.23 3.74
CA VAL B 29 34.51 -4.22 4.79
C VAL B 29 33.60 -3.03 4.46
N PHE B 30 32.66 -2.73 5.36
CA PHE B 30 31.87 -1.51 5.26
C PHE B 30 32.71 -0.34 5.75
N HIS B 31 32.82 0.70 4.92
CA HIS B 31 33.62 1.88 5.25
C HIS B 31 32.75 3.13 5.24
N HIS B 32 32.73 3.83 6.37
CA HIS B 32 32.06 5.12 6.49
C HIS B 32 33.03 6.15 7.07
N HIS B 33 32.62 7.42 7.05
CA HIS B 33 33.41 8.51 7.64
C HIS B 33 33.74 8.26 9.12
N LYS B 34 32.80 7.63 9.83
CA LYS B 34 32.99 7.30 11.24
C LYS B 34 33.57 5.89 11.48
N GLY B 35 34.32 5.37 10.50
CA GLY B 35 35.09 4.13 10.66
C GLY B 35 34.69 2.97 9.76
N SER B 36 35.12 1.76 10.14
CA SER B 36 34.82 0.56 9.35
C SER B 36 34.31 -0.62 10.19
N VAL B 37 33.52 -1.48 9.54
CA VAL B 37 33.07 -2.73 10.15
C VAL B 37 33.22 -3.87 9.13
N PRO B 38 33.92 -4.96 9.52
CA PRO B 38 33.96 -6.13 8.65
C PRO B 38 32.56 -6.70 8.41
N HIS B 39 32.32 -7.19 7.19
CA HIS B 39 31.02 -7.75 6.81
C HIS B 39 30.66 -9.00 7.63
N GLU B 40 31.68 -9.71 8.11
CA GLU B 40 31.49 -10.87 8.98
C GLU B 40 30.86 -10.47 10.31
N ALA B 41 31.25 -9.31 10.83
CA ALA B 41 30.70 -8.80 12.09
C ALA B 41 29.22 -8.45 11.94
N LEU B 42 28.86 -7.92 10.77
CA LEU B 42 27.46 -7.58 10.48
C LEU B 42 26.59 -8.84 10.39
N LEU B 43 27.11 -9.87 9.73
CA LEU B 43 26.41 -11.16 9.60
C LEU B 43 26.21 -11.82 10.96
N GLU B 44 27.22 -11.74 11.82
CA GLU B 44 27.16 -12.34 13.16
C GLU B 44 26.27 -11.54 14.13
N ALA B 45 26.01 -10.28 13.81
CA ALA B 45 25.28 -9.37 14.71
C ALA B 45 23.81 -9.76 14.94
N GLY B 46 23.18 -10.36 13.93
CA GLY B 46 21.77 -10.75 14.02
C GLY B 46 20.82 -9.57 13.85
N PRO B 47 19.50 -9.86 13.72
CA PRO B 47 18.51 -8.80 13.50
C PRO B 47 18.34 -7.91 14.75
N GLY B 48 18.60 -6.62 14.58
CA GLY B 48 18.48 -5.66 15.68
C GLY B 48 19.72 -5.63 16.57
N GLY B 49 20.79 -6.29 16.14
CA GLY B 49 22.05 -6.29 16.88
C GLY B 49 22.82 -5.02 16.63
N VAL B 50 23.82 -4.74 17.47
CA VAL B 50 24.65 -3.55 17.26
C VAL B 50 26.12 -3.90 17.04
N VAL B 51 26.77 -3.06 16.24
CA VAL B 51 28.21 -3.12 16.08
C VAL B 51 28.78 -1.73 16.41
N ARG B 52 30.08 -1.69 16.74
CA ARG B 52 30.77 -0.42 16.91
C ARG B 52 32.03 -0.41 16.05
N THR B 53 32.23 0.68 15.30
CA THR B 53 33.48 0.88 14.56
C THR B 53 34.59 1.22 15.56
N HIS B 54 35.84 1.12 15.11
CA HIS B 54 37.00 1.49 15.93
C HIS B 54 36.98 2.97 16.35
N LEU B 55 36.31 3.79 15.54
CA LEU B 55 36.21 5.22 15.82
C LEU B 55 35.13 5.56 16.84
N GLY B 56 34.33 4.55 17.22
CA GLY B 56 33.32 4.71 18.26
C GLY B 56 31.89 4.86 17.75
N GLU B 57 31.70 4.73 16.43
CA GLU B 57 30.36 4.81 15.85
C GLU B 57 29.59 3.54 16.14
N GLU B 58 28.44 3.70 16.80
CA GLU B 58 27.53 2.57 17.07
C GLU B 58 26.47 2.44 15.96
N LEU B 59 26.37 1.25 15.40
CA LEU B 59 25.48 0.99 14.27
C LEU B 59 24.57 -0.20 14.56
N SER B 60 23.27 -0.02 14.36
CA SER B 60 22.35 -1.15 14.52
C SER B 60 22.21 -1.84 13.16
N VAL B 61 22.01 -3.17 13.22
CA VAL B 61 22.04 -4.04 12.05
C VAL B 61 20.63 -4.60 11.77
N HIS B 62 20.20 -4.50 10.52
CA HIS B 62 18.82 -4.83 10.15
C HIS B 62 18.76 -5.46 8.78
N ARG B 63 17.73 -6.28 8.54
CA ARG B 63 17.34 -6.59 7.17
C ARG B 63 16.43 -5.43 6.77
N PRO B 64 16.73 -4.76 5.65
CA PRO B 64 15.97 -3.54 5.35
C PRO B 64 14.51 -3.87 4.98
N THR B 65 13.60 -3.00 5.38
CA THR B 65 12.23 -3.02 4.87
C THR B 65 12.26 -2.57 3.40
N LEU B 66 11.17 -2.82 2.68
CA LEU B 66 11.09 -2.32 1.31
C LEU B 66 11.23 -0.79 1.24
N GLU B 67 10.57 -0.10 2.16
CA GLU B 67 10.68 1.35 2.27
C GLU B 67 12.15 1.76 2.42
N GLU B 68 12.86 1.14 3.37
CA GLU B 68 14.29 1.40 3.60
C GLU B 68 15.13 1.10 2.37
N TYR B 69 14.88 -0.05 1.75
CA TYR B 69 15.62 -0.45 0.55
C TYR B 69 15.48 0.57 -0.58
N LEU B 70 14.23 0.91 -0.92
CA LEU B 70 13.99 1.93 -1.95
C LEU B 70 14.79 3.20 -1.73
N LEU B 71 14.78 3.68 -0.49
CA LEU B 71 15.40 4.96 -0.16
C LEU B 71 16.93 4.93 -0.20
N HIS B 72 17.54 3.74 -0.12
CA HIS B 72 19.00 3.63 0.00
C HIS B 72 19.71 2.87 -1.14
N MET B 73 18.95 2.13 -1.94
CA MET B 73 19.53 1.38 -3.06
C MET B 73 20.16 2.32 -4.09
N LYS B 74 21.16 1.81 -4.81
CA LYS B 74 21.82 2.54 -5.91
C LYS B 74 20.79 2.92 -6.96
N ARG B 75 20.88 4.15 -7.46
CA ARG B 75 19.89 4.71 -8.38
C ARG B 75 20.48 5.11 -9.72
N SER B 76 19.76 4.75 -10.77
CA SER B 76 19.87 5.40 -12.06
C SER B 76 18.97 6.63 -11.90
N ALA B 77 17.70 6.46 -12.24
CA ALA B 77 16.68 7.48 -12.04
C ALA B 77 16.18 7.45 -10.60
N THR B 78 15.75 8.62 -10.10
CA THR B 78 15.21 8.69 -8.74
C THR B 78 13.96 7.79 -8.63
N PRO B 79 13.95 6.87 -7.65
CA PRO B 79 12.78 6.00 -7.56
C PRO B 79 11.56 6.73 -7.02
N THR B 80 10.39 6.17 -7.29
CA THR B 80 9.13 6.58 -6.66
C THR B 80 9.28 6.51 -5.14
N TYR B 81 8.87 7.55 -4.43
CA TYR B 81 8.99 7.53 -2.97
C TYR B 81 8.02 6.50 -2.39
N PRO B 82 8.42 5.81 -1.31
CA PRO B 82 7.58 4.81 -0.66
C PRO B 82 6.13 5.23 -0.38
N LYS B 83 5.90 6.46 0.11
CA LYS B 83 4.51 6.87 0.40
C LYS B 83 3.63 6.85 -0.87
N ASP B 84 4.27 7.16 -2.00
CA ASP B 84 3.58 7.25 -3.28
C ASP B 84 3.43 5.88 -3.91
N ALA B 85 4.48 5.06 -3.82
CA ALA B 85 4.39 3.71 -4.40
C ALA B 85 3.30 2.94 -3.65
N SER B 86 3.25 3.12 -2.34
CA SER B 86 2.23 2.53 -1.46
C SER B 86 0.80 2.92 -1.92
N ALA B 87 0.58 4.23 -2.09
CA ALA B 87 -0.71 4.72 -2.55
C ALA B 87 -1.03 4.23 -3.95
N MET B 88 -0.02 4.21 -4.83
CA MET B 88 -0.24 3.75 -6.22
C MET B 88 -0.75 2.33 -6.30
N VAL B 89 -0.18 1.44 -5.51
CA VAL B 89 -0.66 0.06 -5.44
C VAL B 89 -2.13 -0.01 -5.03
N THR B 90 -2.52 0.81 -4.06
CA THR B 90 -3.91 0.88 -3.64
C THR B 90 -4.83 1.46 -4.72
N LEU B 91 -4.39 2.56 -5.37
CA LEU B 91 -5.19 3.21 -6.42
C LEU B 91 -5.33 2.33 -7.66
N LEU B 92 -4.30 1.53 -7.93
CA LEU B 92 -4.32 0.51 -8.99
C LEU B 92 -5.15 -0.71 -8.59
N ASP B 93 -5.50 -0.79 -7.30
CA ASP B 93 -6.31 -1.87 -6.76
C ASP B 93 -5.70 -3.25 -7.07
N LEU B 94 -4.39 -3.39 -6.81
CA LEU B 94 -3.69 -4.63 -7.17
C LEU B 94 -3.91 -5.70 -6.11
N ALA B 95 -4.37 -6.86 -6.56
CA ALA B 95 -4.53 -8.03 -5.72
C ALA B 95 -3.64 -9.16 -6.27
N PRO B 96 -3.36 -10.18 -5.44
CA PRO B 96 -2.59 -11.31 -5.94
C PRO B 96 -3.12 -11.93 -7.24
N GLY B 97 -2.21 -12.26 -8.15
CA GLY B 97 -2.57 -12.89 -9.42
C GLY B 97 -2.81 -11.92 -10.57
N MET B 98 -2.89 -10.63 -10.24
CA MET B 98 -3.11 -9.63 -11.28
C MET B 98 -1.87 -9.40 -12.14
N ARG B 99 -2.10 -8.83 -13.32
CA ARG B 99 -1.04 -8.52 -14.28
C ARG B 99 -1.01 -7.01 -14.45
N VAL B 100 0.12 -6.41 -14.08
CA VAL B 100 0.24 -4.95 -14.10
C VAL B 100 1.34 -4.49 -15.07
N LEU B 101 1.03 -3.49 -15.89
CA LEU B 101 1.96 -2.89 -16.85
C LEU B 101 2.64 -1.71 -16.17
N GLU B 102 3.95 -1.56 -16.36
CA GLU B 102 4.71 -0.46 -15.77
C GLU B 102 5.66 0.18 -16.76
N ALA B 103 5.75 1.51 -16.73
CA ALA B 103 6.86 2.24 -17.37
C ALA B 103 7.06 3.58 -16.67
N GLY B 104 8.29 4.05 -16.54
CA GLY B 104 9.52 3.31 -16.87
C GLY B 104 10.06 2.60 -15.63
N THR B 105 10.70 1.46 -15.85
CA THR B 105 11.27 0.68 -14.74
C THR B 105 12.14 1.59 -13.85
N GLY B 106 12.94 2.45 -14.47
CA GLY B 106 13.78 3.39 -13.72
C GLY B 106 14.87 2.71 -12.91
N SER B 107 14.70 2.74 -11.59
CA SER B 107 15.61 2.05 -10.66
C SER B 107 14.97 0.81 -10.01
N GLY B 108 13.72 0.53 -10.37
CA GLY B 108 13.03 -0.66 -9.88
C GLY B 108 12.33 -0.49 -8.53
N GLY B 109 12.22 0.75 -8.06
CA GLY B 109 11.55 1.00 -6.78
C GLY B 109 10.06 0.68 -6.79
N LEU B 110 9.32 1.34 -7.67
CA LEU B 110 7.91 1.02 -7.86
C LEU B 110 7.76 -0.45 -8.30
N THR B 111 8.69 -0.94 -9.12
CA THR B 111 8.65 -2.34 -9.59
C THR B 111 8.51 -3.31 -8.40
N LEU B 112 9.31 -3.08 -7.36
CA LEU B 112 9.27 -3.91 -6.16
C LEU B 112 7.91 -3.84 -5.43
N PHE B 113 7.34 -2.65 -5.31
CA PHE B 113 6.00 -2.52 -4.72
C PHE B 113 4.95 -3.27 -5.54
N LEU B 114 5.02 -3.10 -6.85
CA LEU B 114 4.07 -3.77 -7.75
C LEU B 114 4.22 -5.29 -7.65
N ALA B 115 5.47 -5.75 -7.60
CA ALA B 115 5.75 -7.20 -7.58
C ALA B 115 5.25 -7.88 -6.30
N ARG B 116 5.42 -7.22 -5.15
CA ARG B 116 4.85 -7.72 -3.90
C ARG B 116 3.34 -7.79 -3.97
N ALA B 117 2.72 -6.75 -4.54
CA ALA B 117 1.26 -6.67 -4.55
C ALA B 117 0.65 -7.82 -5.38
N VAL B 118 1.24 -8.10 -6.54
CA VAL B 118 0.67 -9.14 -7.41
C VAL B 118 1.09 -10.56 -7.09
N GLY B 119 2.22 -10.70 -6.38
CA GLY B 119 2.66 -12.03 -5.92
C GLY B 119 3.14 -12.99 -6.98
N GLU B 120 3.47 -14.22 -6.56
CA GLU B 120 4.14 -15.18 -7.42
C GLU B 120 3.27 -15.69 -8.56
N LYS B 121 1.94 -15.58 -8.39
CA LYS B 121 0.99 -15.98 -9.43
C LYS B 121 0.63 -14.82 -10.37
N GLY B 122 0.98 -13.60 -9.98
CA GLY B 122 0.76 -12.43 -10.84
C GLY B 122 1.98 -12.08 -11.67
N LEU B 123 1.95 -10.89 -12.30
CA LEU B 123 3.00 -10.50 -13.22
C LEU B 123 3.16 -8.99 -13.23
N VAL B 124 4.41 -8.54 -13.22
CA VAL B 124 4.71 -7.13 -13.52
C VAL B 124 5.41 -7.13 -14.88
N GLU B 125 4.82 -6.42 -15.83
CA GLU B 125 5.33 -6.28 -17.19
C GLU B 125 5.95 -4.90 -17.24
N SER B 126 7.28 -4.80 -17.12
CA SER B 126 7.94 -3.50 -16.89
C SER B 126 8.81 -3.06 -18.05
N TYR B 127 8.55 -1.86 -18.57
CA TYR B 127 9.29 -1.32 -19.73
C TYR B 127 10.23 -0.20 -19.33
N GLU B 128 11.41 -0.14 -19.96
CA GLU B 128 12.38 0.92 -19.71
C GLU B 128 13.14 1.21 -20.99
N ALA B 129 13.15 2.49 -21.39
CA ALA B 129 13.74 2.91 -22.66
C ALA B 129 15.27 2.93 -22.63
N ARG B 130 15.85 3.22 -21.46
CA ARG B 130 17.29 3.44 -21.36
C ARG B 130 18.02 2.20 -20.80
N PRO B 131 18.90 1.58 -21.63
CA PRO B 131 19.53 0.32 -21.22
C PRO B 131 20.29 0.39 -19.89
N HIS B 132 20.99 1.49 -19.64
CA HIS B 132 21.75 1.63 -18.38
C HIS B 132 20.81 1.65 -17.18
N HIS B 133 19.64 2.30 -17.35
CA HIS B 133 18.62 2.35 -16.30
C HIS B 133 18.07 0.96 -16.04
N LEU B 134 17.72 0.24 -17.11
CA LEU B 134 17.14 -1.10 -16.96
C LEU B 134 18.12 -2.06 -16.26
N ALA B 135 19.39 -2.03 -16.66
CA ALA B 135 20.40 -2.90 -16.06
C ALA B 135 20.50 -2.71 -14.54
N GLN B 136 20.54 -1.45 -14.10
CA GLN B 136 20.57 -1.14 -12.67
C GLN B 136 19.26 -1.57 -11.98
N ALA B 137 18.13 -1.31 -12.63
CA ALA B 137 16.83 -1.70 -12.07
C ALA B 137 16.78 -3.20 -11.84
N GLU B 138 17.20 -3.98 -12.85
CA GLU B 138 17.16 -5.43 -12.73
C GLU B 138 18.03 -5.90 -11.58
N ARG B 139 19.21 -5.27 -11.43
CA ARG B 139 20.08 -5.57 -10.29
C ARG B 139 19.38 -5.26 -8.95
N ASN B 140 18.77 -4.08 -8.86
CA ASN B 140 18.09 -3.67 -7.63
C ASN B 140 16.96 -4.60 -7.27
N VAL B 141 16.19 -5.02 -8.28
CA VAL B 141 15.07 -5.93 -8.05
C VAL B 141 15.56 -7.30 -7.59
N ARG B 142 16.55 -7.86 -8.30
CA ARG B 142 17.03 -9.22 -8.04
C ARG B 142 17.76 -9.35 -6.71
N ALA B 143 18.36 -8.23 -6.27
CA ALA B 143 19.07 -8.22 -4.98
C ALA B 143 18.13 -8.30 -3.79
N PHE B 144 16.85 -7.98 -4.00
CA PHE B 144 15.89 -7.86 -2.90
C PHE B 144 14.71 -8.83 -3.02
N TRP B 145 14.46 -9.34 -4.21
CA TRP B 145 13.22 -10.09 -4.51
C TRP B 145 13.56 -11.29 -5.38
N GLN B 146 13.28 -12.49 -4.89
CA GLN B 146 13.69 -13.72 -5.58
C GLN B 146 12.57 -14.37 -6.39
N VAL B 147 11.36 -13.83 -6.23
CA VAL B 147 10.19 -14.32 -6.95
C VAL B 147 10.27 -13.89 -8.41
N GLU B 148 10.11 -14.85 -9.33
CA GLU B 148 10.31 -14.59 -10.75
C GLU B 148 9.01 -14.11 -11.41
N ASN B 149 8.41 -13.06 -10.84
CA ASN B 149 7.12 -12.55 -11.37
C ASN B 149 7.24 -11.20 -12.09
N VAL B 150 8.47 -10.81 -12.40
CA VAL B 150 8.70 -9.57 -13.16
C VAL B 150 9.30 -9.92 -14.51
N ARG B 151 8.65 -9.44 -15.57
CA ARG B 151 9.19 -9.55 -16.92
C ARG B 151 9.63 -8.17 -17.36
N PHE B 152 10.94 -8.00 -17.52
CA PHE B 152 11.51 -6.73 -17.94
C PHE B 152 11.58 -6.62 -19.46
N HIS B 153 11.41 -5.41 -19.95
CA HIS B 153 11.45 -5.17 -21.39
C HIS B 153 12.20 -3.90 -21.69
N LEU B 154 13.22 -4.01 -22.54
CA LEU B 154 13.92 -2.83 -23.05
C LEU B 154 13.15 -2.21 -24.21
N GLY B 155 12.79 -0.95 -24.07
CA GLY B 155 12.13 -0.21 -25.15
C GLY B 155 11.18 0.86 -24.62
N LYS B 156 10.64 1.65 -25.54
CA LYS B 156 9.64 2.67 -25.21
C LYS B 156 8.29 1.99 -25.09
N LEU B 157 7.53 2.35 -24.06
CA LEU B 157 6.19 1.79 -23.92
C LEU B 157 5.31 2.07 -25.15
N GLU B 158 5.44 3.25 -25.76
CA GLU B 158 4.68 3.58 -26.99
C GLU B 158 4.91 2.58 -28.12
N GLU B 159 6.03 1.88 -28.07
CA GLU B 159 6.41 0.93 -29.13
C GLU B 159 6.27 -0.53 -28.73
N ALA B 160 5.72 -0.77 -27.54
CA ALA B 160 5.46 -2.12 -27.05
C ALA B 160 4.43 -2.87 -27.89
N GLU B 161 4.63 -4.18 -27.98
CA GLU B 161 3.66 -5.06 -28.60
C GLU B 161 2.85 -5.67 -27.46
N LEU B 162 1.64 -5.16 -27.24
CA LEU B 162 0.85 -5.58 -26.09
C LEU B 162 -0.45 -6.28 -26.48
N GLU B 163 -0.82 -7.28 -25.69
CA GLU B 163 -2.10 -7.96 -25.84
C GLU B 163 -3.23 -7.05 -25.39
N GLU B 164 -4.33 -7.08 -26.12
CA GLU B 164 -5.45 -6.19 -25.84
C GLU B 164 -6.21 -6.67 -24.60
N ALA B 165 -6.59 -5.72 -23.73
CA ALA B 165 -7.42 -6.02 -22.57
C ALA B 165 -6.88 -7.17 -21.76
N ALA B 166 -5.55 -7.17 -21.56
CA ALA B 166 -4.85 -8.25 -20.87
C ALA B 166 -4.32 -7.83 -19.50
N TYR B 167 -4.39 -6.54 -19.19
CA TYR B 167 -3.80 -6.00 -17.97
C TYR B 167 -4.80 -5.46 -16.98
N ASP B 168 -4.51 -5.71 -15.70
CA ASP B 168 -5.35 -5.35 -14.58
C ASP B 168 -5.07 -3.96 -14.02
N GLY B 169 -4.01 -3.33 -14.53
CA GLY B 169 -3.63 -1.97 -14.13
C GLY B 169 -2.46 -1.51 -14.97
N VAL B 170 -2.27 -0.20 -15.05
CA VAL B 170 -1.09 0.39 -15.70
C VAL B 170 -0.49 1.44 -14.77
N ALA B 171 0.76 1.22 -14.36
CA ALA B 171 1.45 2.11 -13.45
C ALA B 171 2.44 2.92 -14.26
N LEU B 172 2.33 4.25 -14.21
CA LEU B 172 3.27 5.11 -14.93
C LEU B 172 4.08 6.05 -14.04
N ASP B 173 5.38 6.06 -14.28
CA ASP B 173 6.24 7.06 -13.69
C ASP B 173 7.21 7.42 -14.81
N LEU B 174 6.85 8.48 -15.53
CA LEU B 174 7.65 8.97 -16.64
C LEU B 174 7.18 10.39 -16.99
N MET B 175 8.03 11.12 -17.71
CA MET B 175 7.84 12.56 -17.93
C MET B 175 6.62 12.90 -18.78
N GLU B 176 6.30 12.04 -19.76
CA GLU B 176 5.29 12.37 -20.77
C GLU B 176 4.25 11.24 -20.95
N PRO B 177 3.42 11.01 -19.91
CA PRO B 177 2.47 9.87 -19.97
C PRO B 177 1.42 9.98 -21.07
N TRP B 178 1.13 11.21 -21.54
CA TRP B 178 0.20 11.37 -22.65
C TRP B 178 0.61 10.57 -23.90
N LYS B 179 1.91 10.36 -24.07
CA LYS B 179 2.44 9.67 -25.25
C LYS B 179 2.18 8.15 -25.22
N VAL B 180 1.82 7.63 -24.06
CA VAL B 180 1.57 6.18 -23.93
C VAL B 180 0.09 5.86 -23.70
N LEU B 181 -0.76 6.88 -23.80
CA LEU B 181 -2.19 6.69 -23.55
C LEU B 181 -2.85 5.69 -24.49
N GLU B 182 -2.48 5.76 -25.77
CA GLU B 182 -3.06 4.86 -26.78
C GLU B 182 -2.72 3.41 -26.43
N LYS B 183 -1.45 3.16 -26.13
CA LYS B 183 -1.00 1.81 -25.78
C LYS B 183 -1.64 1.32 -24.49
N ALA B 184 -1.66 2.20 -23.48
CA ALA B 184 -2.26 1.86 -22.20
C ALA B 184 -3.74 1.51 -22.32
N ALA B 185 -4.50 2.30 -23.09
CA ALA B 185 -5.92 2.04 -23.32
C ALA B 185 -6.12 0.68 -23.98
N LEU B 186 -5.25 0.35 -24.94
CA LEU B 186 -5.31 -0.95 -25.61
C LEU B 186 -5.14 -2.09 -24.59
N ALA B 187 -4.11 -1.97 -23.76
CA ALA B 187 -3.71 -3.03 -22.83
C ALA B 187 -4.68 -3.23 -21.66
N LEU B 188 -5.25 -2.14 -21.18
CA LEU B 188 -6.03 -2.16 -19.95
C LEU B 188 -7.44 -2.74 -20.10
N LYS B 189 -7.79 -3.64 -19.19
CA LYS B 189 -9.15 -4.16 -19.12
C LYS B 189 -10.12 -3.07 -18.72
N PRO B 190 -11.38 -3.19 -19.19
CA PRO B 190 -12.42 -2.24 -18.80
C PRO B 190 -12.59 -2.18 -17.27
N ASP B 191 -12.82 -0.95 -16.81
CA ASP B 191 -13.02 -0.61 -15.39
C ASP B 191 -11.76 -0.59 -14.53
N ARG B 192 -10.63 -0.88 -15.16
CA ARG B 192 -9.37 -0.89 -14.44
C ARG B 192 -8.63 0.44 -14.65
N PHE B 193 -7.55 0.63 -13.89
CA PHE B 193 -6.92 1.93 -13.75
C PHE B 193 -5.54 2.08 -14.37
N LEU B 194 -5.33 3.29 -14.91
CA LEU B 194 -4.00 3.82 -15.17
C LEU B 194 -3.74 4.80 -14.04
N VAL B 195 -2.60 4.66 -13.35
CA VAL B 195 -2.22 5.62 -12.32
C VAL B 195 -0.84 6.16 -12.66
N ALA B 196 -0.74 7.48 -12.78
CA ALA B 196 0.48 8.17 -13.20
C ALA B 196 1.04 9.04 -12.06
N TYR B 197 2.35 8.96 -11.88
CA TYR B 197 3.10 9.74 -10.89
C TYR B 197 3.76 10.91 -11.62
N LEU B 198 3.43 12.14 -11.22
CA LEU B 198 3.89 13.34 -11.93
C LEU B 198 4.25 14.47 -10.97
N PRO B 199 5.53 14.92 -10.99
CA PRO B 199 5.95 15.99 -10.06
C PRO B 199 5.23 17.33 -10.23
N ASN B 200 4.92 17.70 -11.48
CA ASN B 200 4.42 19.05 -11.75
C ASN B 200 2.93 19.09 -12.08
N ILE B 201 2.26 20.12 -11.59
CA ILE B 201 0.81 20.24 -11.83
C ILE B 201 0.52 20.48 -13.30
N THR B 202 1.48 21.09 -14.01
CA THR B 202 1.37 21.31 -15.44
C THR B 202 1.32 19.98 -16.20
N GLN B 203 2.13 19.03 -15.78
CA GLN B 203 2.08 17.66 -16.34
C GLN B 203 0.71 17.03 -16.10
N VAL B 204 0.21 17.21 -14.88
CA VAL B 204 -1.11 16.70 -14.51
C VAL B 204 -2.18 17.24 -15.44
N LEU B 205 -2.21 18.58 -15.61
CA LEU B 205 -3.18 19.22 -16.49
C LEU B 205 -3.04 18.77 -17.96
N GLU B 206 -1.81 18.62 -18.44
CA GLU B 206 -1.58 18.11 -19.80
C GLU B 206 -2.08 16.67 -19.97
N LEU B 207 -1.82 15.81 -18.98
CA LEU B 207 -2.31 14.43 -19.01
C LEU B 207 -3.84 14.37 -19.04
N VAL B 208 -4.46 15.15 -18.17
CA VAL B 208 -5.92 15.26 -18.11
C VAL B 208 -6.52 15.68 -19.46
N ARG B 209 -5.94 16.70 -20.08
CA ARG B 209 -6.39 17.19 -21.38
C ARG B 209 -6.20 16.11 -22.45
N ALA B 210 -5.00 15.50 -22.50
CA ALA B 210 -4.73 14.43 -23.47
C ALA B 210 -5.70 13.26 -23.31
N ALA B 211 -6.04 12.92 -22.07
CA ALA B 211 -6.94 11.79 -21.76
C ALA B 211 -8.36 11.99 -22.28
N GLU B 212 -8.71 13.23 -22.64
CA GLU B 212 -9.99 13.52 -23.28
C GLU B 212 -10.17 12.79 -24.62
N ALA B 213 -9.07 12.42 -25.27
CA ALA B 213 -9.13 11.72 -26.56
C ALA B 213 -8.99 10.20 -26.43
N HIS B 214 -9.12 9.68 -25.21
CA HIS B 214 -8.94 8.25 -24.94
C HIS B 214 -10.04 7.73 -24.01
N PRO B 215 -10.28 6.40 -24.01
CA PRO B 215 -11.42 5.86 -23.26
C PRO B 215 -11.21 5.72 -21.75
N PHE B 216 -10.94 6.86 -21.10
CA PHE B 216 -10.69 6.93 -19.66
C PHE B 216 -11.54 8.02 -19.03
N ARG B 217 -12.10 7.75 -17.85
CA ARG B 217 -12.66 8.81 -17.01
C ARG B 217 -11.63 9.22 -15.95
N LEU B 218 -11.41 10.52 -15.80
CA LEU B 218 -10.53 11.00 -14.72
C LEU B 218 -11.21 10.76 -13.39
N GLU B 219 -10.57 10.00 -12.50
CA GLU B 219 -11.17 9.67 -11.20
C GLU B 219 -10.52 10.37 -10.03
N ARG B 220 -9.20 10.57 -10.09
CA ARG B 220 -8.44 11.12 -8.96
C ARG B 220 -7.25 11.93 -9.41
N VAL B 221 -6.99 13.02 -8.70
CA VAL B 221 -5.72 13.73 -8.73
C VAL B 221 -5.47 14.00 -7.25
N LEU B 222 -4.39 13.45 -6.70
CA LEU B 222 -4.15 13.63 -5.28
C LEU B 222 -2.68 13.77 -4.91
N GLU B 223 -2.46 14.30 -3.72
CA GLU B 223 -1.11 14.40 -3.15
C GLU B 223 -1.08 13.58 -1.89
N VAL B 224 -0.09 12.69 -1.82
CA VAL B 224 0.13 11.90 -0.62
C VAL B 224 1.11 12.61 0.33
N GLY B 225 0.73 12.67 1.60
CA GLY B 225 1.65 13.18 2.60
C GLY B 225 1.74 12.22 3.76
N TRP B 226 2.98 11.92 4.17
CA TRP B 226 3.22 11.17 5.39
C TRP B 226 3.96 12.11 6.33
N ARG B 227 3.18 12.69 7.24
CA ARG B 227 3.67 13.73 8.12
C ARG B 227 4.20 13.09 9.38
N GLU B 228 5.52 13.11 9.51
CA GLU B 228 6.21 12.46 10.60
C GLU B 228 6.23 13.37 11.82
N TRP B 229 6.04 12.75 12.99
CA TRP B 229 6.20 13.42 14.27
C TRP B 229 7.48 12.98 14.94
N GLU B 230 8.07 13.89 15.70
CA GLU B 230 9.07 13.54 16.71
C GLU B 230 8.39 13.44 18.06
N VAL B 231 8.46 12.26 18.68
CA VAL B 231 7.91 12.06 20.02
C VAL B 231 8.99 11.47 20.94
N ARG B 232 9.55 12.32 21.78
CA ARG B 232 10.43 11.89 22.86
C ARG B 232 10.14 12.80 24.05
N LEU B 233 9.20 12.38 24.89
CA LEU B 233 8.60 13.24 25.92
C LEU B 233 9.63 13.86 26.85
N PRO B 234 9.51 15.18 27.11
CA PRO B 234 8.42 16.13 26.83
C PRO B 234 8.18 16.51 25.37
N VAL B 235 9.17 16.30 24.49
CA VAL B 235 9.08 16.71 23.07
C VAL B 235 8.06 15.89 22.30
N ALA B 236 7.18 16.57 21.56
CA ALA B 236 6.12 15.92 20.82
C ALA B 236 5.50 16.88 19.82
N HIS B 237 5.99 16.82 18.58
CA HIS B 237 5.49 17.71 17.52
C HIS B 237 5.79 17.13 16.14
N PRO B 238 5.01 17.55 15.12
CA PRO B 238 5.41 17.18 13.77
C PRO B 238 6.82 17.65 13.51
N ARG B 239 7.58 16.87 12.76
CA ARG B 239 8.98 17.18 12.54
C ARG B 239 9.12 18.54 11.87
N PHE B 240 10.12 19.30 12.32
CA PHE B 240 10.36 20.65 11.83
C PHE B 240 10.62 20.63 10.33
N GLN B 241 11.35 19.60 9.88
CA GLN B 241 11.65 19.39 8.47
C GLN B 241 10.95 18.15 7.91
N GLN B 242 10.19 18.34 6.84
CA GLN B 242 9.48 17.25 6.17
C GLN B 242 9.76 17.30 4.68
N VAL B 243 9.50 16.18 4.00
CA VAL B 243 9.33 16.18 2.55
C VAL B 243 8.05 16.94 2.23
N GLY B 244 8.15 18.06 1.52
CA GLY B 244 7.00 18.91 1.23
C GLY B 244 6.17 18.40 0.06
N HIS B 245 6.85 17.83 -0.93
CA HIS B 245 6.21 17.36 -2.15
C HIS B 245 7.13 16.39 -2.85
N THR B 246 6.53 15.37 -3.46
CA THR B 246 7.26 14.49 -4.36
C THR B 246 6.58 14.55 -5.72
N ALA B 247 5.32 14.13 -5.75
CA ALA B 247 4.57 14.12 -6.98
C ALA B 247 3.07 14.06 -6.72
N PHE B 248 2.32 14.41 -7.76
CA PHE B 248 0.88 14.17 -7.82
C PHE B 248 0.62 12.79 -8.38
N LEU B 249 -0.45 12.17 -7.93
CA LEU B 249 -0.92 10.90 -8.48
C LEU B 249 -2.22 11.15 -9.25
N VAL B 250 -2.29 10.62 -10.46
CA VAL B 250 -3.47 10.82 -11.32
C VAL B 250 -4.05 9.45 -11.67
N ALA B 251 -5.33 9.24 -11.39
CA ALA B 251 -5.95 7.95 -11.66
C ALA B 251 -7.02 8.11 -12.70
N LEU B 252 -6.88 7.34 -13.77
CA LEU B 252 -7.81 7.32 -14.91
C LEU B 252 -8.40 5.92 -14.98
N ARG B 253 -9.73 5.84 -15.07
CA ARG B 253 -10.40 4.54 -15.10
C ARG B 253 -10.89 4.24 -16.52
N ARG B 254 -10.44 3.10 -17.06
CA ARG B 254 -10.79 2.66 -18.42
C ARG B 254 -12.26 2.32 -18.45
N TRP B 255 -12.99 2.83 -19.43
CA TRP B 255 -14.38 2.39 -19.59
C TRP B 255 -14.48 1.26 -20.63
N LYS B 256 -15.66 0.68 -20.77
CA LYS B 256 -15.91 -0.33 -21.79
C LYS B 256 -16.48 0.41 -22.99
N GLY B 257 -15.86 0.24 -24.15
CA GLY B 257 -16.37 0.86 -25.37
C GLY B 257 -17.65 0.21 -25.86
S SO4 C . 12.43 3.91 23.00
O1 SO4 C . 12.18 4.80 24.12
O2 SO4 C . 11.37 4.09 22.02
O3 SO4 C . 13.70 4.22 22.37
O4 SO4 C . 12.46 2.53 23.42
S SO4 D . -32.53 6.15 -28.08
O1 SO4 D . -33.61 6.75 -27.32
O2 SO4 D . -32.93 6.06 -29.48
O3 SO4 D . -31.32 6.98 -27.96
O4 SO4 D . -32.28 4.79 -27.60
N SAH E . -9.53 -2.18 11.60
CA SAH E . -10.95 -2.62 11.69
CB SAH E . -11.72 -1.78 12.70
CG SAH E . -11.35 -2.13 14.14
SD SAH E . -12.49 -1.29 15.29
C SAH E . -11.58 -2.54 10.31
O SAH E . -10.94 -2.04 9.37
OXT SAH E . -12.71 -2.98 10.11
C5' SAH E . -11.77 -1.97 16.81
C4' SAH E . -12.28 -3.39 17.10
O4' SAH E . -11.40 -3.99 18.03
C3' SAH E . -13.67 -3.46 17.72
O3' SAH E . -14.45 -4.36 16.93
C2' SAH E . -13.45 -3.99 19.13
O2' SAH E . -14.46 -4.87 19.58
C1' SAH E . -12.16 -4.76 18.97
N9 SAH E . -11.27 -4.88 20.13
C8 SAH E . -10.88 -3.89 20.98
N7 SAH E . -10.00 -4.41 21.85
C5 SAH E . -9.77 -5.71 21.55
C6 SAH E . -8.97 -6.70 22.11
N6 SAH E . -8.18 -6.44 23.18
N1 SAH E . -8.99 -7.97 21.54
C2 SAH E . -9.78 -8.25 20.46
N3 SAH E . -10.58 -7.26 19.92
C4 SAH E . -10.57 -6.02 20.45
N SAH F . 9.30 4.45 -10.78
CA SAH F . 10.75 4.22 -11.01
CB SAH F . 11.48 5.49 -11.48
CG SAH F . 11.06 5.91 -12.88
SD SAH F . 12.05 7.29 -13.46
C SAH F . 11.41 3.67 -9.76
O SAH F . 10.77 3.59 -8.69
OXT SAH F . 12.59 3.28 -9.79
C5' SAH F . 11.36 7.34 -15.14
C4' SAH F . 11.97 6.29 -16.07
O4' SAH F . 11.15 6.15 -17.21
C3' SAH F . 13.39 6.61 -16.59
O3' SAH F . 14.28 5.55 -16.33
C2' SAH F . 13.19 6.82 -18.10
O2' SAH F . 14.27 6.38 -18.89
C1' SAH F . 11.96 5.97 -18.37
N9 SAH F . 11.08 6.40 -19.46
C8 SAH F . 10.61 7.66 -19.75
N7 SAH F . 9.75 7.56 -20.78
C5 SAH F . 9.64 6.25 -21.13
C6 SAH F . 8.90 5.58 -22.11
N6 SAH F . 8.09 6.25 -22.93
N1 SAH F . 9.01 4.21 -22.20
C2 SAH F . 9.83 3.50 -21.36
N3 SAH F . 10.56 4.16 -20.39
C4 SAH F . 10.47 5.51 -20.30
S SO4 G . -13.14 0.18 -26.47
O1 SO4 G . -13.27 0.77 -25.14
O2 SO4 G . -13.69 1.12 -27.45
O3 SO4 G . -11.74 -0.08 -26.77
O4 SO4 G . -13.89 -1.07 -26.51
#